data_9U78
#
_entry.id   9U78
#
_cell.length_a   50.748
_cell.length_b   69.748
_cell.length_c   55.048
_cell.angle_alpha   90.00
_cell.angle_beta   104.80
_cell.angle_gamma   90.00
#
_symmetry.space_group_name_H-M   'P 1 21 1'
#
loop_
_entity.id
_entity.type
_entity.pdbx_description
1 polymer 'Single Chain Protein of De Novo Designed Helix Bundles-4EH2 with KDPV Loop'
2 non-polymer 'ZINC ION'
3 non-polymer 'ACETATE ION'
4 non-polymer 'FORMIC ACID'
5 non-polymer GLYCEROL
6 water water
#
_entity_poly.entity_id   1
_entity_poly.type   'polypeptide(L)'
_entity_poly.pdbx_seq_one_letter_code
;GGIEELLRKIIEDEVRHIAELEDIEKWLKDPVIEELLRKIIEDEVRHIAELEDIEKWLKDPVIEELLRKIIEDEVRHIAE
LEDIEKWLKDPVIEELLRKIIEDEVRHIAELEDIEKWL
;
_entity_poly.pdbx_strand_id   A,B
#
loop_
_chem_comp.id
_chem_comp.type
_chem_comp.name
_chem_comp.formula
ACT non-polymer 'ACETATE ION' 'C2 H3 O2 -1'
FMT non-polymer 'FORMIC ACID' 'C H2 O2'
GOL non-polymer GLYCEROL 'C3 H8 O3'
ZN non-polymer 'ZINC ION' 'Zn 2'
#
# COMPACT_ATOMS: atom_id res chain seq x y z
N GLY A 1 23.86 -2.85 -8.49
CA GLY A 1 23.62 -4.17 -9.05
C GLY A 1 22.77 -5.03 -8.14
N GLY A 2 22.79 -6.34 -8.38
CA GLY A 2 22.15 -7.30 -7.49
C GLY A 2 20.64 -7.11 -7.43
N ILE A 3 20.08 -7.41 -6.25
CA ILE A 3 18.64 -7.30 -6.08
C ILE A 3 18.20 -5.84 -6.09
N GLU A 4 19.01 -4.94 -5.51
CA GLU A 4 18.55 -3.56 -5.46
C GLU A 4 18.35 -3.01 -6.87
N GLU A 5 19.22 -3.37 -7.80
CA GLU A 5 19.07 -2.91 -9.19
C GLU A 5 17.85 -3.57 -9.86
N LEU A 6 17.59 -4.84 -9.57
CA LEU A 6 16.38 -5.48 -10.08
C LEU A 6 15.14 -4.77 -9.58
N LEU A 7 15.11 -4.46 -8.28
CA LEU A 7 13.94 -3.75 -7.73
C LEU A 7 13.83 -2.36 -8.33
N ARG A 8 14.96 -1.69 -8.57
CA ARG A 8 14.89 -0.36 -9.17
C ARG A 8 14.25 -0.44 -10.56
N LYS A 9 14.60 -1.45 -11.34
CA LYS A 9 14.02 -1.60 -12.68
C LYS A 9 12.54 -1.98 -12.61
N ILE A 10 12.15 -2.81 -11.63
CA ILE A 10 10.72 -3.10 -11.46
C ILE A 10 9.96 -1.80 -11.20
N ILE A 11 10.46 -0.98 -10.27
CA ILE A 11 9.82 0.30 -9.96
C ILE A 11 9.71 1.17 -11.21
N GLU A 12 10.80 1.25 -11.99
CA GLU A 12 10.77 2.07 -13.20
C GLU A 12 9.71 1.57 -14.19
N ASP A 13 9.55 0.24 -14.31
CA ASP A 13 8.50 -0.34 -15.15
C ASP A 13 7.11 0.07 -14.65
N GLU A 14 6.91 -0.01 -13.32
CA GLU A 14 5.58 0.31 -12.78
C GLU A 14 5.24 1.77 -13.03
N VAL A 15 6.23 2.65 -12.89
CA VAL A 15 6.02 4.08 -13.15
C VAL A 15 5.59 4.26 -14.60
N ARG A 16 6.29 3.60 -15.51
CA ARG A 16 5.94 3.68 -16.93
CA ARG A 16 5.94 3.68 -16.93
C ARG A 16 4.54 3.14 -17.18
N HIS A 17 4.20 1.99 -16.58
CA HIS A 17 2.86 1.42 -16.78
C HIS A 17 1.77 2.40 -16.41
N ILE A 18 1.94 3.13 -15.30
CA ILE A 18 0.89 4.07 -14.90
C ILE A 18 0.70 5.12 -15.97
N ALA A 19 1.80 5.71 -16.45
CA ALA A 19 1.68 6.74 -17.48
C ALA A 19 1.06 6.18 -18.74
N GLU A 20 1.46 4.97 -19.12
CA GLU A 20 0.98 4.36 -20.36
C GLU A 20 -0.48 3.99 -20.24
N LEU A 21 -0.87 3.38 -19.12
CA LEU A 21 -2.26 3.02 -18.94
C LEU A 21 -3.15 4.24 -18.86
N GLU A 22 -2.64 5.33 -18.30
CA GLU A 22 -3.43 6.57 -18.28
C GLU A 22 -3.60 7.12 -19.70
N ASP A 23 -2.57 7.02 -20.54
CA ASP A 23 -2.75 7.38 -21.95
C ASP A 23 -3.78 6.49 -22.61
N ILE A 24 -3.73 5.19 -22.32
CA ILE A 24 -4.67 4.24 -22.93
C ILE A 24 -6.09 4.53 -22.47
N GLU A 25 -6.27 4.87 -21.19
CA GLU A 25 -7.59 5.29 -20.73
C GLU A 25 -8.12 6.44 -21.56
N LYS A 26 -7.26 7.43 -21.82
CA LYS A 26 -7.70 8.62 -22.56
C LYS A 26 -7.97 8.30 -24.03
N TRP A 27 -7.25 7.35 -24.63
CA TRP A 27 -7.53 6.99 -26.02
C TRP A 27 -8.82 6.20 -26.14
N LEU A 28 -9.09 5.34 -25.16
CA LEU A 28 -10.17 4.36 -25.31
C LEU A 28 -11.54 4.99 -25.11
N LYS A 29 -11.65 5.94 -24.17
CA LYS A 29 -12.95 6.41 -23.70
C LYS A 29 -13.97 5.26 -23.62
N ASP A 30 -13.75 4.35 -22.68
CA ASP A 30 -14.55 3.13 -22.55
C ASP A 30 -14.69 2.86 -21.06
N PRO A 31 -15.85 3.16 -20.46
CA PRO A 31 -15.95 3.12 -18.99
C PRO A 31 -15.72 1.75 -18.36
N VAL A 32 -16.15 0.67 -19.00
CA VAL A 32 -16.00 -0.65 -18.39
C VAL A 32 -14.52 -1.05 -18.36
N ILE A 33 -13.82 -0.86 -19.48
CA ILE A 33 -12.39 -1.18 -19.46
C ILE A 33 -11.63 -0.18 -18.60
N GLU A 34 -12.05 1.09 -18.61
CA GLU A 34 -11.34 2.10 -17.84
C GLU A 34 -11.42 1.83 -16.35
N GLU A 35 -12.52 1.24 -15.88
CA GLU A 35 -12.59 0.91 -14.46
C GLU A 35 -11.58 -0.15 -14.09
N LEU A 36 -11.40 -1.14 -14.95
CA LEU A 36 -10.39 -2.16 -14.71
C LEU A 36 -9.00 -1.53 -14.69
N LEU A 37 -8.73 -0.63 -15.63
CA LEU A 37 -7.41 0.00 -15.70
C LEU A 37 -7.14 0.89 -14.50
N ARG A 38 -8.16 1.59 -14.02
N ARG A 38 -8.16 1.60 -14.01
CA ARG A 38 -8.00 2.45 -12.84
CA ARG A 38 -7.96 2.45 -12.85
C ARG A 38 -7.55 1.64 -11.64
C ARG A 38 -7.55 1.63 -11.63
N LYS A 39 -8.11 0.43 -11.49
CA LYS A 39 -7.72 -0.42 -10.36
C LYS A 39 -6.30 -0.97 -10.54
N ILE A 40 -5.93 -1.31 -11.77
CA ILE A 40 -4.55 -1.73 -12.01
C ILE A 40 -3.58 -0.60 -11.68
N ILE A 41 -3.91 0.62 -12.09
CA ILE A 41 -3.07 1.78 -11.78
C ILE A 41 -2.91 1.95 -10.27
N GLU A 42 -4.01 1.84 -9.51
CA GLU A 42 -3.93 1.94 -8.07
C GLU A 42 -2.94 0.93 -7.50
N ASP A 43 -2.98 -0.31 -8.00
CA ASP A 43 -2.03 -1.34 -7.57
C ASP A 43 -0.60 -0.93 -7.89
N GLU A 44 -0.37 -0.47 -9.13
CA GLU A 44 1.00 -0.13 -9.55
C GLU A 44 1.56 0.99 -8.68
N VAL A 45 0.73 1.97 -8.33
CA VAL A 45 1.16 3.05 -7.44
C VAL A 45 1.62 2.48 -6.11
N ARG A 46 0.83 1.55 -5.56
CA ARG A 46 1.20 0.97 -4.26
C ARG A 46 2.47 0.13 -4.39
N HIS A 47 2.65 -0.57 -5.50
CA HIS A 47 3.87 -1.34 -5.69
C HIS A 47 5.09 -0.45 -5.64
N ILE A 48 4.99 0.72 -6.29
CA ILE A 48 6.11 1.66 -6.29
C ILE A 48 6.40 2.10 -4.87
N ALA A 49 5.35 2.52 -4.16
CA ALA A 49 5.52 2.98 -2.77
C ALA A 49 6.17 1.91 -1.91
N GLU A 50 5.66 0.67 -2.01
CA GLU A 50 6.12 -0.39 -1.12
C GLU A 50 7.53 -0.84 -1.47
N LEU A 51 7.84 -0.99 -2.77
CA LEU A 51 9.19 -1.43 -3.14
C LEU A 51 10.22 -0.34 -2.87
N GLU A 52 9.85 0.94 -2.94
CA GLU A 52 10.79 1.98 -2.60
C GLU A 52 11.18 1.92 -1.13
N ASP A 53 10.28 1.44 -0.29
CA ASP A 53 10.46 1.44 1.16
C ASP A 53 10.86 0.08 1.69
N ILE A 54 11.14 -0.90 0.83
CA ILE A 54 11.12 -2.30 1.25
C ILE A 54 12.26 -2.62 2.22
N GLU A 55 13.38 -1.89 2.13
CA GLU A 55 14.49 -2.15 3.05
C GLU A 55 14.09 -2.02 4.52
N LYS A 56 13.12 -1.16 4.80
CA LYS A 56 12.68 -0.93 6.18
C LYS A 56 12.16 -2.20 6.82
N TRP A 57 11.66 -3.14 6.02
CA TRP A 57 10.86 -4.25 6.55
C TRP A 57 11.52 -5.60 6.36
N LEU A 58 12.78 -5.64 5.95
CA LEU A 58 13.39 -6.93 5.61
C LEU A 58 13.50 -7.87 6.80
N LYS A 59 13.61 -7.35 8.02
CA LYS A 59 13.69 -8.19 9.22
C LYS A 59 12.34 -8.39 9.89
N ASP A 60 11.28 -7.83 9.33
CA ASP A 60 9.96 -7.82 9.90
C ASP A 60 9.10 -8.87 9.23
N PRO A 61 8.29 -9.62 10.01
CA PRO A 61 7.40 -10.61 9.41
C PRO A 61 6.49 -10.08 8.30
N VAL A 62 6.20 -8.78 8.31
CA VAL A 62 5.27 -8.21 7.34
C VAL A 62 5.78 -8.37 5.92
N ILE A 63 7.10 -8.56 5.75
CA ILE A 63 7.67 -8.61 4.40
C ILE A 63 7.04 -9.72 3.57
N GLU A 64 6.65 -10.83 4.22
CA GLU A 64 6.07 -11.95 3.49
C GLU A 64 4.76 -11.56 2.82
N GLU A 65 3.89 -10.87 3.55
CA GLU A 65 2.61 -10.46 2.97
C GLU A 65 2.78 -9.31 2.00
N LEU A 66 3.72 -8.40 2.26
CA LEU A 66 3.95 -7.31 1.30
C LEU A 66 4.29 -7.88 -0.08
N LEU A 67 5.25 -8.80 -0.13
CA LEU A 67 5.64 -9.35 -1.42
C LEU A 67 4.56 -10.25 -2.00
N ARG A 68 3.90 -11.05 -1.14
CA ARG A 68 2.84 -11.93 -1.62
C ARG A 68 1.75 -11.13 -2.32
N LYS A 69 1.36 -10.01 -1.72
CA LYS A 69 0.28 -9.21 -2.29
C LYS A 69 0.71 -8.55 -3.60
N ILE A 70 1.96 -8.05 -3.67
CA ILE A 70 2.40 -7.45 -4.93
C ILE A 70 2.36 -8.51 -6.01
N ILE A 71 2.87 -9.71 -5.71
CA ILE A 71 2.89 -10.74 -6.73
C ILE A 71 1.47 -11.08 -7.16
N GLU A 72 0.56 -11.19 -6.20
CA GLU A 72 -0.83 -11.52 -6.51
C GLU A 72 -1.46 -10.46 -7.42
N ASP A 73 -1.17 -9.18 -7.14
CA ASP A 73 -1.65 -8.10 -8.01
C ASP A 73 -1.14 -8.29 -9.43
N GLU A 74 0.17 -8.54 -9.56
CA GLU A 74 0.77 -8.64 -10.89
C GLU A 74 0.14 -9.80 -11.67
N VAL A 75 -0.12 -10.91 -10.97
CA VAL A 75 -0.77 -12.06 -11.60
C VAL A 75 -2.14 -11.67 -12.10
N ARG A 76 -2.90 -10.93 -11.28
CA ARG A 76 -4.22 -10.47 -11.72
C ARG A 76 -4.11 -9.52 -12.90
N HIS A 77 -3.12 -8.60 -12.85
CA HIS A 77 -2.93 -7.69 -13.98
C HIS A 77 -2.71 -8.44 -15.29
N ILE A 78 -1.93 -9.50 -15.27
CA ILE A 78 -1.71 -10.24 -16.52
C ILE A 78 -3.03 -10.80 -17.04
N ALA A 79 -3.80 -11.43 -16.17
CA ALA A 79 -5.07 -12.00 -16.59
C ALA A 79 -5.99 -10.94 -17.17
N GLU A 80 -6.09 -9.79 -16.50
CA GLU A 80 -7.03 -8.76 -16.92
C GLU A 80 -6.54 -8.07 -18.18
N LEU A 81 -5.24 -7.76 -18.26
CA LEU A 81 -4.73 -7.11 -19.46
C LEU A 81 -4.78 -8.05 -20.66
N GLU A 82 -4.58 -9.36 -20.42
CA GLU A 82 -4.68 -10.31 -21.54
C GLU A 82 -6.10 -10.35 -22.06
N ASP A 83 -7.09 -10.36 -21.16
CA ASP A 83 -8.48 -10.36 -21.61
C ASP A 83 -8.80 -9.06 -22.35
N ILE A 84 -8.31 -7.92 -21.84
CA ILE A 84 -8.54 -6.64 -22.49
C ILE A 84 -7.87 -6.60 -23.86
N GLU A 85 -6.63 -7.09 -23.94
CA GLU A 85 -5.94 -7.14 -25.22
C GLU A 85 -6.73 -7.93 -26.24
N LYS A 86 -7.27 -9.09 -25.83
CA LYS A 86 -8.08 -9.89 -26.75
C LYS A 86 -9.36 -9.16 -27.16
N TRP A 87 -9.97 -8.39 -26.24
CA TRP A 87 -11.20 -7.67 -26.55
C TRP A 87 -10.99 -6.59 -27.59
N LEU A 88 -9.90 -5.83 -27.49
CA LEU A 88 -9.79 -4.62 -28.29
C LEU A 88 -9.58 -4.96 -29.76
N LYS A 89 -10.00 -4.04 -30.63
CA LYS A 89 -9.65 -4.07 -32.05
C LYS A 89 -8.94 -2.74 -32.33
N ASP A 90 -7.68 -2.68 -31.93
CA ASP A 90 -6.93 -1.43 -31.90
C ASP A 90 -5.47 -1.85 -31.81
N PRO A 91 -4.87 -2.24 -32.94
CA PRO A 91 -3.56 -2.90 -32.90
C PRO A 91 -2.48 -2.14 -32.14
N VAL A 92 -2.44 -0.81 -32.19
CA VAL A 92 -1.38 -0.12 -31.45
C VAL A 92 -1.57 -0.33 -29.96
N ILE A 93 -2.79 -0.14 -29.47
CA ILE A 93 -3.00 -0.32 -28.03
C ILE A 93 -2.79 -1.78 -27.63
N GLU A 94 -3.23 -2.72 -28.48
CA GLU A 94 -2.99 -4.12 -28.17
C GLU A 94 -1.50 -4.42 -28.03
N GLU A 95 -0.67 -3.81 -28.86
CA GLU A 95 0.77 -4.01 -28.74
C GLU A 95 1.31 -3.40 -27.45
N LEU A 96 0.86 -2.18 -27.11
CA LEU A 96 1.27 -1.58 -25.83
C LEU A 96 0.92 -2.49 -24.67
N LEU A 97 -0.30 -3.06 -24.68
CA LEU A 97 -0.69 -3.92 -23.57
C LEU A 97 0.17 -5.19 -23.54
N ARG A 98 0.49 -5.75 -24.72
CA ARG A 98 1.36 -6.92 -24.79
C ARG A 98 2.69 -6.66 -24.09
N LYS A 99 3.27 -5.48 -24.31
CA LYS A 99 4.57 -5.18 -23.70
C LYS A 99 4.43 -4.99 -22.19
N ILE A 100 3.34 -4.37 -21.74
CA ILE A 100 3.13 -4.24 -20.29
C ILE A 100 3.03 -5.61 -19.66
N ILE A 101 2.27 -6.51 -20.30
CA ILE A 101 2.12 -7.86 -19.77
C ILE A 101 3.48 -8.52 -19.64
N GLU A 102 4.34 -8.38 -20.66
CA GLU A 102 5.68 -8.96 -20.59
C GLU A 102 6.43 -8.47 -19.36
N ASP A 103 6.35 -7.16 -19.07
CA ASP A 103 6.95 -6.62 -17.86
C ASP A 103 6.38 -7.30 -16.63
N GLU A 104 5.06 -7.39 -16.54
CA GLU A 104 4.43 -7.95 -15.34
C GLU A 104 4.87 -9.39 -15.12
N VAL A 105 4.94 -10.17 -16.21
CA VAL A 105 5.43 -11.54 -16.13
C VAL A 105 6.84 -11.60 -15.53
N ARG A 106 7.73 -10.72 -16.01
CA ARG A 106 9.08 -10.68 -15.47
C ARG A 106 9.07 -10.28 -14.00
N HIS A 107 8.21 -9.32 -13.63
CA HIS A 107 8.15 -8.93 -12.21
C HIS A 107 7.81 -10.09 -11.31
N ILE A 108 6.82 -10.91 -11.71
CA ILE A 108 6.43 -12.05 -10.90
C ILE A 108 7.61 -13.00 -10.70
N ALA A 109 8.32 -13.30 -11.79
CA ALA A 109 9.46 -14.22 -11.69
C ALA A 109 10.53 -13.67 -10.76
N GLU A 110 10.85 -12.38 -10.89
CA GLU A 110 11.90 -11.81 -10.07
C GLU A 110 11.47 -11.68 -8.63
N LEU A 111 10.23 -11.24 -8.37
CA LEU A 111 9.79 -11.11 -6.99
C LEU A 111 9.63 -12.47 -6.33
N GLU A 112 9.18 -13.48 -7.08
CA GLU A 112 9.12 -14.83 -6.52
C GLU A 112 10.50 -15.30 -6.09
N ASP A 113 11.52 -15.03 -6.92
CA ASP A 113 12.89 -15.39 -6.59
C ASP A 113 13.34 -14.71 -5.29
N ILE A 114 12.94 -13.44 -5.10
CA ILE A 114 13.31 -12.66 -3.93
C ILE A 114 12.52 -13.11 -2.71
N GLU A 115 11.23 -13.42 -2.91
CA GLU A 115 10.38 -13.76 -1.79
CA GLU A 115 10.31 -13.81 -1.85
C GLU A 115 10.74 -15.12 -1.20
N LYS A 116 11.29 -16.03 -2.01
CA LYS A 116 11.56 -17.40 -1.61
C LYS A 116 12.31 -17.47 -0.29
N TRP A 117 13.29 -16.60 -0.11
CA TRP A 117 14.26 -16.72 0.98
C TRP A 117 14.00 -15.76 2.14
N LEU A 118 13.06 -14.84 1.97
CA LEU A 118 12.72 -13.86 3.00
C LEU A 118 11.65 -14.37 3.96
N GLY B 1 7.70 22.94 7.52
CA GLY B 1 6.40 23.29 8.09
C GLY B 1 5.26 22.86 7.20
N GLY B 2 4.09 23.46 7.43
CA GLY B 2 2.93 23.24 6.60
C GLY B 2 2.53 21.78 6.56
N ILE B 3 2.03 21.36 5.40
CA ILE B 3 1.52 20.00 5.26
C ILE B 3 2.65 18.99 5.24
N GLU B 4 3.79 19.34 4.66
CA GLU B 4 4.85 18.34 4.58
C GLU B 4 5.30 17.94 5.98
N GLU B 5 5.33 18.90 6.92
CA GLU B 5 5.68 18.60 8.31
C GLU B 5 4.61 17.76 8.99
N LEU B 6 3.33 18.07 8.75
CA LEU B 6 2.24 17.24 9.28
C LEU B 6 2.38 15.80 8.79
N LEU B 7 2.64 15.63 7.48
CA LEU B 7 2.77 14.27 6.96
C LEU B 7 3.98 13.57 7.55
N ARG B 8 5.09 14.29 7.73
N ARG B 8 5.09 14.29 7.73
CA ARG B 8 6.26 13.66 8.34
CA ARG B 8 6.27 13.66 8.34
C ARG B 8 5.95 13.15 9.75
C ARG B 8 5.93 13.14 9.74
N LYS B 9 5.18 13.92 10.52
CA LYS B 9 4.83 13.50 11.88
C LYS B 9 3.84 12.33 11.85
N ILE B 10 2.93 12.29 10.88
CA ILE B 10 2.06 11.13 10.76
C ILE B 10 2.89 9.88 10.50
N ILE B 11 3.86 9.99 9.57
CA ILE B 11 4.72 8.86 9.24
C ILE B 11 5.47 8.39 10.48
N GLU B 12 6.01 9.33 11.27
CA GLU B 12 6.75 8.97 12.47
C GLU B 12 5.88 8.24 13.48
N ASP B 13 4.62 8.66 13.61
CA ASP B 13 3.65 7.94 14.45
C ASP B 13 3.45 6.52 13.95
N GLU B 14 3.26 6.36 12.64
CA GLU B 14 2.95 5.03 12.12
C GLU B 14 4.13 4.08 12.35
N VAL B 15 5.35 4.58 12.18
CA VAL B 15 6.56 3.78 12.43
C VAL B 15 6.57 3.31 13.89
N ARG B 16 6.30 4.24 14.81
N ARG B 16 6.28 4.23 14.80
CA ARG B 16 6.26 3.88 16.23
CA ARG B 16 6.26 3.90 16.23
C ARG B 16 5.17 2.86 16.52
C ARG B 16 5.17 2.88 16.52
N HIS B 17 3.98 3.05 15.92
CA HIS B 17 2.89 2.10 16.15
C HIS B 17 3.27 0.69 15.78
N ILE B 18 4.00 0.51 14.66
CA ILE B 18 4.39 -0.84 14.27
C ILE B 18 5.25 -1.47 15.33
N ALA B 19 6.27 -0.74 15.78
CA ALA B 19 7.16 -1.27 16.81
C ALA B 19 6.38 -1.57 18.08
N GLU B 20 5.49 -0.67 18.47
CA GLU B 20 4.77 -0.82 19.74
C GLU B 20 3.76 -1.96 19.64
N LEU B 21 3.04 -2.05 18.53
CA LEU B 21 2.09 -3.15 18.38
C LEU B 21 2.79 -4.50 18.30
N GLU B 22 4.00 -4.54 17.74
CA GLU B 22 4.74 -5.80 17.74
C GLU B 22 5.16 -6.19 19.15
N ASP B 23 5.52 -5.21 19.97
CA ASP B 23 5.77 -5.50 21.39
C ASP B 23 4.51 -6.02 22.07
N ILE B 24 3.37 -5.37 21.81
CA ILE B 24 2.13 -5.77 22.46
C ILE B 24 1.73 -7.18 22.04
N GLU B 25 1.96 -7.52 20.77
N GLU B 25 1.89 -7.49 20.75
CA GLU B 25 1.63 -8.87 20.31
CA GLU B 25 1.68 -8.86 20.27
C GLU B 25 2.49 -9.91 21.02
C GLU B 25 2.46 -9.83 21.12
N LYS B 26 3.76 -9.58 21.28
CA LYS B 26 4.64 -10.48 21.99
C LYS B 26 4.25 -10.64 23.46
N TRP B 27 3.71 -9.58 24.07
CA TRP B 27 3.34 -9.67 25.49
C TRP B 27 2.06 -10.48 25.71
N LEU B 28 1.15 -10.47 24.74
CA LEU B 28 -0.21 -10.97 24.92
C LEU B 28 -0.40 -12.41 24.48
N LYS B 29 0.06 -12.77 23.29
CA LYS B 29 0.00 -14.14 22.77
C LYS B 29 -1.43 -14.70 22.83
N ASP B 30 -2.37 -13.95 22.24
CA ASP B 30 -3.76 -14.32 22.03
C ASP B 30 -4.06 -14.35 20.54
N PRO B 31 -4.80 -15.36 20.04
CA PRO B 31 -4.95 -15.50 18.57
C PRO B 31 -5.92 -14.52 17.93
N VAL B 32 -6.93 -14.07 18.65
CA VAL B 32 -7.80 -13.03 18.10
C VAL B 32 -7.04 -11.71 17.99
N ILE B 33 -6.24 -11.39 19.01
CA ILE B 33 -5.48 -10.14 18.98
C ILE B 33 -4.37 -10.22 17.96
N GLU B 34 -3.72 -11.38 17.84
CA GLU B 34 -2.69 -11.56 16.83
C GLU B 34 -3.21 -11.26 15.43
N GLU B 35 -4.41 -11.75 15.10
CA GLU B 35 -4.93 -11.54 13.75
C GLU B 35 -5.29 -10.07 13.55
N LEU B 36 -5.87 -9.44 14.57
CA LEU B 36 -6.20 -8.02 14.44
C LEU B 36 -4.94 -7.19 14.30
N LEU B 37 -3.95 -7.44 15.16
CA LEU B 37 -2.77 -6.58 15.16
C LEU B 37 -1.92 -6.79 13.92
N ARG B 38 -1.83 -8.03 13.42
N ARG B 38 -1.83 -8.04 13.43
CA ARG B 38 -1.06 -8.28 12.21
CA ARG B 38 -1.11 -8.33 12.20
C ARG B 38 -1.62 -7.47 11.04
C ARG B 38 -1.63 -7.48 11.05
N LYS B 39 -2.95 -7.40 10.91
CA LYS B 39 -3.54 -6.65 9.82
C LYS B 39 -3.37 -5.15 10.02
N ILE B 40 -3.45 -4.67 11.28
CA ILE B 40 -3.21 -3.26 11.52
C ILE B 40 -1.77 -2.90 11.14
N ILE B 41 -0.82 -3.75 11.53
CA ILE B 41 0.58 -3.50 11.18
C ILE B 41 0.77 -3.42 9.67
N GLU B 42 0.14 -4.35 8.93
CA GLU B 42 0.22 -4.33 7.48
C GLU B 42 -0.26 -2.99 6.94
N ASP B 43 -1.39 -2.49 7.47
CA ASP B 43 -1.90 -1.18 7.05
C ASP B 43 -0.90 -0.08 7.35
N GLU B 44 -0.34 -0.07 8.58
CA GLU B 44 0.55 1.01 8.98
C GLU B 44 1.78 1.04 8.09
N VAL B 45 2.30 -0.13 7.74
CA VAL B 45 3.44 -0.21 6.82
C VAL B 45 3.09 0.44 5.48
N ARG B 46 1.91 0.12 4.96
CA ARG B 46 1.54 0.70 3.68
C ARG B 46 1.30 2.20 3.79
N HIS B 47 0.76 2.67 4.91
CA HIS B 47 0.58 4.10 5.07
C HIS B 47 1.91 4.82 5.00
N ILE B 48 2.93 4.27 5.66
CA ILE B 48 4.26 4.87 5.62
C ILE B 48 4.75 4.94 4.18
N ALA B 49 4.66 3.81 3.47
CA ALA B 49 5.14 3.75 2.08
C ALA B 49 4.42 4.77 1.22
N GLU B 50 3.09 4.82 1.34
CA GLU B 50 2.31 5.69 0.46
C GLU B 50 2.52 7.17 0.80
N LEU B 51 2.57 7.51 2.10
CA LEU B 51 2.74 8.92 2.44
C LEU B 51 4.16 9.39 2.15
N GLU B 52 5.16 8.50 2.24
CA GLU B 52 6.50 8.89 1.84
C GLU B 52 6.57 9.26 0.36
N ASP B 53 5.73 8.62 -0.46
CA ASP B 53 5.78 8.79 -1.90
C ASP B 53 4.68 9.72 -2.44
N ILE B 54 3.93 10.38 -1.56
CA ILE B 54 2.66 10.98 -1.95
C ILE B 54 2.83 12.12 -2.97
N GLU B 55 3.96 12.82 -2.94
CA GLU B 55 4.18 13.94 -3.86
C GLU B 55 4.09 13.50 -5.31
N LYS B 56 4.47 12.26 -5.61
CA LYS B 56 4.44 11.80 -6.99
C LYS B 56 3.04 11.80 -7.57
N TRP B 57 2.01 11.75 -6.75
CA TRP B 57 0.66 11.49 -7.23
C TRP B 57 -0.26 12.68 -7.05
N LEU B 58 0.28 13.85 -6.69
CA LEU B 58 -0.58 14.97 -6.35
C LEU B 58 -1.42 15.47 -7.52
N LYS B 59 -0.98 15.28 -8.77
CA LYS B 59 -1.76 15.70 -9.93
C LYS B 59 -2.52 14.56 -10.59
N ASP B 60 -2.44 13.36 -10.04
CA ASP B 60 -3.02 12.13 -10.52
C ASP B 60 -4.31 11.84 -9.78
N PRO B 61 -5.35 11.44 -10.50
CA PRO B 61 -6.62 11.08 -9.85
C PRO B 61 -6.48 10.01 -8.77
N VAL B 62 -5.45 9.17 -8.83
CA VAL B 62 -5.27 8.12 -7.85
C VAL B 62 -5.15 8.69 -6.44
N ILE B 63 -4.81 9.97 -6.30
CA ILE B 63 -4.55 10.50 -4.95
C ILE B 63 -5.81 10.44 -4.10
N GLU B 64 -6.98 10.58 -4.71
CA GLU B 64 -8.25 10.54 -3.98
C GLU B 64 -8.42 9.20 -3.28
N GLU B 65 -8.18 8.12 -4.01
CA GLU B 65 -8.36 6.79 -3.44
C GLU B 65 -7.24 6.45 -2.47
N LEU B 66 -6.01 6.92 -2.73
CA LEU B 66 -4.93 6.66 -1.79
C LEU B 66 -5.28 7.23 -0.42
N LEU B 67 -5.74 8.50 -0.38
CA LEU B 67 -6.02 9.11 0.91
C LEU B 67 -7.27 8.53 1.54
N ARG B 68 -8.29 8.26 0.71
CA ARG B 68 -9.53 7.67 1.22
C ARG B 68 -9.24 6.35 1.92
N LYS B 69 -8.42 5.51 1.31
CA LYS B 69 -8.14 4.20 1.88
C LYS B 69 -7.32 4.32 3.16
N ILE B 70 -6.34 5.24 3.21
CA ILE B 70 -5.59 5.39 4.46
C ILE B 70 -6.53 5.82 5.58
N ILE B 71 -7.40 6.79 5.28
CA ILE B 71 -8.31 7.26 6.30
C ILE B 71 -9.23 6.13 6.77
N GLU B 72 -9.73 5.34 5.81
CA GLU B 72 -10.63 4.24 6.18
C GLU B 72 -9.92 3.23 7.07
N ASP B 73 -8.64 2.94 6.77
CA ASP B 73 -7.84 2.06 7.61
C ASP B 73 -7.74 2.60 9.03
N GLU B 74 -7.38 3.89 9.15
CA GLU B 74 -7.21 4.49 10.47
C GLU B 74 -8.50 4.43 11.27
N VAL B 75 -9.64 4.67 10.61
CA VAL B 75 -10.94 4.56 11.27
C VAL B 75 -11.17 3.16 11.77
N ARG B 76 -10.85 2.15 10.95
CA ARG B 76 -10.99 0.77 11.39
C ARG B 76 -10.05 0.48 12.55
N HIS B 77 -8.84 1.02 12.50
CA HIS B 77 -7.88 0.80 13.58
C HIS B 77 -8.42 1.31 14.91
N ILE B 78 -9.02 2.49 14.91
CA ILE B 78 -9.56 3.00 16.17
C ILE B 78 -10.60 2.04 16.73
N ALA B 79 -11.51 1.57 15.87
CA ALA B 79 -12.55 0.67 16.34
C ALA B 79 -11.95 -0.61 16.92
N GLU B 80 -10.98 -1.18 16.20
CA GLU B 80 -10.43 -2.48 16.62
C GLU B 80 -9.56 -2.32 17.86
N LEU B 81 -8.75 -1.26 17.92
CA LEU B 81 -7.92 -1.09 19.11
C LEU B 81 -8.76 -0.76 20.33
N GLU B 82 -9.85 -0.01 20.15
CA GLU B 82 -10.78 0.22 21.26
C GLU B 82 -11.39 -1.08 21.74
N ASP B 83 -11.74 -1.98 20.81
CA ASP B 83 -12.26 -3.29 21.20
C ASP B 83 -11.23 -4.07 22.02
N ILE B 84 -9.98 -4.07 21.57
CA ILE B 84 -8.92 -4.76 22.30
C ILE B 84 -8.72 -4.13 23.66
N GLU B 85 -8.69 -2.80 23.70
CA GLU B 85 -8.52 -2.08 24.97
C GLU B 85 -9.59 -2.47 25.96
N LYS B 86 -10.84 -2.53 25.51
CA LYS B 86 -11.94 -2.89 26.41
C LYS B 86 -11.83 -4.33 26.87
N TRP B 87 -11.44 -5.23 25.95
CA TRP B 87 -11.41 -6.65 26.25
C TRP B 87 -10.32 -6.99 27.25
N LEU B 88 -9.19 -6.29 27.17
CA LEU B 88 -8.03 -6.62 27.99
C LEU B 88 -8.26 -6.29 29.45
N LYS B 89 -7.60 -7.03 30.32
CA LYS B 89 -7.41 -6.66 31.71
C LYS B 89 -5.90 -6.65 31.96
N ASP B 90 -5.26 -5.56 31.53
CA ASP B 90 -3.82 -5.42 31.52
C ASP B 90 -3.57 -3.92 31.41
N PRO B 91 -3.60 -3.21 32.55
CA PRO B 91 -3.68 -1.74 32.50
C PRO B 91 -2.55 -1.07 31.73
N VAL B 92 -1.32 -1.57 31.80
CA VAL B 92 -0.23 -0.92 31.07
C VAL B 92 -0.52 -0.99 29.56
N ILE B 93 -0.87 -2.17 29.07
CA ILE B 93 -1.12 -2.31 27.64
C ILE B 93 -2.36 -1.50 27.24
N GLU B 94 -3.39 -1.49 28.08
CA GLU B 94 -4.57 -0.68 27.78
C GLU B 94 -4.20 0.78 27.60
N GLU B 95 -3.29 1.30 28.43
CA GLU B 95 -2.86 2.69 28.29
C GLU B 95 -2.08 2.89 26.99
N LEU B 96 -1.21 1.95 26.63
CA LEU B 96 -0.48 2.06 25.36
C LEU B 96 -1.46 2.10 24.20
N LEU B 97 -2.49 1.25 24.23
CA LEU B 97 -3.45 1.26 23.14
C LEU B 97 -4.21 2.59 23.08
N ARG B 98 -4.56 3.15 24.25
N ARG B 98 -4.55 3.15 24.25
CA ARG B 98 -5.24 4.44 24.27
CA ARG B 98 -5.23 4.43 24.33
C ARG B 98 -4.41 5.51 23.59
C ARG B 98 -4.41 5.53 23.64
N LYS B 99 -3.09 5.51 23.81
CA LYS B 99 -2.24 6.53 23.23
C LYS B 99 -2.12 6.33 21.72
N ILE B 100 -2.06 5.08 21.27
CA ILE B 100 -2.03 4.83 19.82
C ILE B 100 -3.33 5.32 19.19
N ILE B 101 -4.46 5.02 19.84
CA ILE B 101 -5.76 5.45 19.32
C ILE B 101 -5.78 6.97 19.15
N GLU B 102 -5.27 7.71 20.14
CA GLU B 102 -5.21 9.17 20.05
C GLU B 102 -4.46 9.63 18.81
N ASP B 103 -3.32 8.98 18.51
CA ASP B 103 -2.60 9.29 17.29
C ASP B 103 -3.48 9.06 16.08
N GLU B 104 -4.13 7.89 16.04
CA GLU B 104 -4.92 7.55 14.85
C GLU B 104 -6.05 8.54 14.64
N VAL B 105 -6.68 8.97 15.74
CA VAL B 105 -7.73 10.00 15.68
C VAL B 105 -7.18 11.28 15.05
N ARG B 106 -6.00 11.72 15.50
N ARG B 106 -6.00 11.73 15.49
CA ARG B 106 -5.40 12.93 14.93
CA ARG B 106 -5.41 12.94 14.92
C ARG B 106 -5.10 12.75 13.45
C ARG B 106 -5.10 12.75 13.44
N HIS B 107 -4.58 11.58 13.07
CA HIS B 107 -4.29 11.32 11.66
C HIS B 107 -5.53 11.48 10.80
N ILE B 108 -6.65 10.93 11.25
CA ILE B 108 -7.90 11.03 10.47
C ILE B 108 -8.27 12.48 10.24
N ALA B 109 -8.21 13.29 11.31
CA ALA B 109 -8.58 14.70 11.18
C ALA B 109 -7.65 15.42 10.23
N GLU B 110 -6.34 15.18 10.35
CA GLU B 110 -5.38 15.89 9.50
C GLU B 110 -5.49 15.44 8.05
N LEU B 111 -5.62 14.13 7.82
CA LEU B 111 -5.71 13.67 6.44
C LEU B 111 -7.02 14.07 5.79
N GLU B 112 -8.12 14.04 6.56
CA GLU B 112 -9.38 14.56 6.04
C GLU B 112 -9.23 15.99 5.58
N ASP B 113 -8.53 16.81 6.36
CA ASP B 113 -8.32 18.21 6.02
C ASP B 113 -7.57 18.35 4.70
N ILE B 114 -6.61 17.48 4.46
CA ILE B 114 -5.81 17.51 3.23
C ILE B 114 -6.61 16.93 2.06
N GLU B 115 -7.31 15.82 2.30
CA GLU B 115 -8.09 15.15 1.25
C GLU B 115 -9.17 16.06 0.68
N LYS B 116 -9.73 16.95 1.51
CA LYS B 116 -10.86 17.78 1.12
C LYS B 116 -10.61 18.49 -0.19
N TRP B 117 -9.39 18.99 -0.38
CA TRP B 117 -9.12 19.91 -1.47
C TRP B 117 -8.40 19.26 -2.64
N LEU B 118 -7.98 18.01 -2.50
CA LEU B 118 -7.22 17.30 -3.54
C LEU B 118 -8.12 16.53 -4.49
ZN ZN C . 2.91 -4.09 -12.22
C ACT D . -0.76 -3.34 -2.89
O ACT D . -1.72 -3.60 -3.66
OXT ACT D . -0.78 -2.65 -1.85
CH3 ACT D . 0.59 -3.97 -3.28
C FMT E . 6.08 -1.32 -21.29
O1 FMT E . 5.62 -0.52 -20.45
O2 FMT E . 6.77 -1.04 -22.30
C FMT F . 12.29 -11.79 7.30
O1 FMT F . 12.76 -12.10 6.20
O2 FMT F . 12.81 -11.06 8.16
C FMT G . 15.34 -0.61 -4.33
O1 FMT G . 14.46 -0.53 -3.45
O2 FMT G . 15.50 0.13 -5.32
C1 GOL H . -11.71 -8.52 -15.92
O1 GOL H . -12.32 -9.11 -14.78
C2 GOL H . -11.78 -9.43 -17.13
O2 GOL H . -10.54 -10.11 -17.29
C3 GOL H . -12.17 -8.71 -18.40
O3 GOL H . -12.55 -9.62 -19.43
ZN ZN I . -2.17 4.52 11.67
C ACT J . -3.22 0.74 2.43
O ACT J . -3.83 -0.01 3.22
OXT ACT J . -2.59 0.40 1.40
CH3 ACT J . -3.28 2.25 2.77
C FMT K . 1.79 5.97 20.22
O1 FMT K . 2.76 5.34 19.76
O2 FMT K . 1.61 6.34 21.39
#